data_7L1B
#
_entry.id   7L1B
#
_cell.length_a   156.592
_cell.length_b   156.592
_cell.length_c   86.213
_cell.angle_alpha   90.000
_cell.angle_beta   90.000
_cell.angle_gamma   120.000
#
_symmetry.space_group_name_H-M   'P 6 2 2'
#
loop_
_entity.id
_entity.type
_entity.pdbx_description
1 polymer 'HLA class I histocompatibility antigen, A alpha chain'
2 polymer Beta-2-microglobulin
3 polymer 'wild-type PIK3CA peptide'
4 non-polymer GLYCEROL
5 water water
#
loop_
_entity_poly.entity_id
_entity_poly.type
_entity_poly.pdbx_seq_one_letter_code
_entity_poly.pdbx_strand_id
1 'polypeptide(L)'
;GSHSMRYFFTSVSRPGRGEPRFIAVGYVDDTQFVRFDSDAASQRMEPRAPWIEQEGPEYWDQETRNVKAQSQTDRVDLGT
LRGYYNQSEAGSHTIQIMYGCDVGSDGRFLRGYRQDAYDGKDYIALNEDLRSWTAADMAAQITKRKWEAAHEAEQLRAYL
DGTCVEWLRRYLENGKETLQRTDPPKTHMTHHPISDHEATLRCWALGFYPAEITLTWQRDGEDQTQDTELVETRPAGDGT
FQKWAAVVVPSGEEQRYTCHVQHEGLPKPLTLRW
;
A
2 'polypeptide(L)'
;MIQRTPKIQVYSRHPAENGKSNFLNCYVSGFHPSDIEVDLLKNGERIEKVEHSDLSFSKDWSFYLLYYTEFTPTEKDEYA
CRVNHVTLSQPKIVKWDRDM
;
B
3 'polypeptide(L)' AHHGGWTTK C
#
# COMPACT_ATOMS: atom_id res chain seq x y z
N GLY A 1 10.03 19.52 -0.02
CA GLY A 1 9.94 18.55 -1.08
C GLY A 1 8.55 18.47 -1.71
N SER A 2 8.39 17.59 -2.68
CA SER A 2 7.11 17.42 -3.34
C SER A 2 6.16 16.62 -2.46
N HIS A 3 4.86 16.76 -2.73
CA HIS A 3 3.83 16.07 -1.98
C HIS A 3 2.75 15.59 -2.93
N SER A 4 1.92 14.67 -2.43
CA SER A 4 0.84 14.11 -3.22
C SER A 4 -0.38 13.86 -2.34
N MET A 5 -1.56 13.96 -2.94
CA MET A 5 -2.80 13.49 -2.35
C MET A 5 -3.40 12.45 -3.28
N ARG A 6 -3.73 11.28 -2.73
CA ARG A 6 -4.24 10.19 -3.54
C ARG A 6 -5.43 9.53 -2.86
N TYR A 7 -6.42 9.14 -3.65
CA TYR A 7 -7.55 8.36 -3.19
C TYR A 7 -7.56 7.01 -3.90
N PHE A 8 -7.83 5.95 -3.14
CA PHE A 8 -7.84 4.59 -3.64
C PHE A 8 -9.21 3.99 -3.40
N PHE A 9 -9.78 3.35 -4.42
CA PHE A 9 -11.10 2.74 -4.34
C PHE A 9 -11.02 1.29 -4.79
N THR A 10 -11.70 0.41 -4.05
CA THR A 10 -11.79 -1.00 -4.39
C THR A 10 -13.23 -1.46 -4.22
N SER A 11 -13.80 -2.03 -5.28
CA SER A 11 -15.13 -2.62 -5.24
C SER A 11 -15.03 -4.07 -5.69
N VAL A 12 -15.50 -4.99 -4.84
CA VAL A 12 -15.38 -6.42 -5.09
C VAL A 12 -16.78 -7.01 -5.03
N SER A 13 -17.26 -7.50 -6.18
CA SER A 13 -18.58 -8.12 -6.22
C SER A 13 -18.58 -9.46 -5.48
N ARG A 14 -19.72 -9.79 -4.89
CA ARG A 14 -19.91 -11.06 -4.19
C ARG A 14 -21.32 -11.55 -4.48
N PRO A 15 -21.55 -12.11 -5.67
CA PRO A 15 -22.91 -12.49 -6.06
C PRO A 15 -23.48 -13.54 -5.12
N GLY A 16 -24.76 -13.36 -4.76
CA GLY A 16 -25.41 -14.22 -3.82
C GLY A 16 -25.13 -13.91 -2.36
N ARG A 17 -24.23 -12.96 -2.07
CA ARG A 17 -23.90 -12.60 -0.70
C ARG A 17 -24.01 -11.10 -0.47
N GLY A 18 -24.95 -10.45 -1.15
CA GLY A 18 -25.22 -9.05 -0.92
C GLY A 18 -24.50 -8.14 -1.90
N GLU A 19 -24.50 -6.85 -1.56
CA GLU A 19 -23.90 -5.83 -2.40
C GLU A 19 -22.37 -5.97 -2.39
N PRO A 20 -21.71 -5.43 -3.41
CA PRO A 20 -20.25 -5.53 -3.45
C PRO A 20 -19.57 -4.83 -2.28
N ARG A 21 -18.47 -5.42 -1.82
CA ARG A 21 -17.65 -4.79 -0.79
C ARG A 21 -16.95 -3.57 -1.37
N PHE A 22 -17.05 -2.44 -0.68
CA PHE A 22 -16.49 -1.18 -1.14
C PHE A 22 -15.61 -0.57 -0.07
N ILE A 23 -14.36 -0.28 -0.41
CA ILE A 23 -13.40 0.30 0.52
C ILE A 23 -12.70 1.46 -0.18
N ALA A 24 -12.72 2.63 0.45
CA ALA A 24 -12.07 3.83 -0.06
C ALA A 24 -11.10 4.36 0.97
N VAL A 25 -9.91 4.77 0.51
CA VAL A 25 -8.87 5.30 1.38
C VAL A 25 -8.25 6.52 0.72
N GLY A 26 -8.00 7.56 1.50
CA GLY A 26 -7.34 8.76 1.05
C GLY A 26 -6.00 8.92 1.73
N TYR A 27 -4.99 9.34 0.95
CA TYR A 27 -3.64 9.52 1.45
C TYR A 27 -3.14 10.92 1.14
N VAL A 28 -2.35 11.47 2.05
CA VAL A 28 -1.42 12.57 1.76
C VAL A 28 -0.03 11.99 1.91
N ASP A 29 0.72 11.96 0.80
CA ASP A 29 1.99 11.23 0.75
C ASP A 29 1.77 9.79 1.18
N ASP A 30 2.48 9.34 2.21
CA ASP A 30 2.33 7.99 2.74
C ASP A 30 1.48 7.95 4.02
N THR A 31 0.65 8.96 4.25
CA THR A 31 -0.12 9.07 5.48
C THR A 31 -1.61 9.02 5.14
N GLN A 32 -2.28 7.96 5.59
CA GLN A 32 -3.73 7.87 5.42
C GLN A 32 -4.42 8.89 6.31
N PHE A 33 -5.47 9.51 5.79
CA PHE A 33 -6.24 10.47 6.59
C PHE A 33 -7.75 10.27 6.54
N VAL A 34 -8.29 9.51 5.58
CA VAL A 34 -9.71 9.19 5.56
C VAL A 34 -9.88 7.73 5.12
N ARG A 35 -11.04 7.17 5.45
CA ARG A 35 -11.39 5.82 5.04
C ARG A 35 -12.90 5.68 5.00
N PHE A 36 -13.37 4.76 4.17
CA PHE A 36 -14.77 4.34 4.15
C PHE A 36 -14.80 2.85 3.87
N ASP A 37 -15.55 2.11 4.70
CA ASP A 37 -15.73 0.67 4.53
C ASP A 37 -17.22 0.39 4.51
N SER A 38 -17.71 -0.20 3.42
CA SER A 38 -19.14 -0.49 3.29
C SER A 38 -19.62 -1.48 4.35
N ASP A 39 -18.71 -2.29 4.91
CA ASP A 39 -19.08 -3.25 5.94
C ASP A 39 -18.92 -2.71 7.35
N ALA A 40 -18.40 -1.49 7.51
CA ALA A 40 -18.29 -0.90 8.84
C ALA A 40 -19.63 -0.35 9.29
N ALA A 41 -19.74 -0.11 10.59
CA ALA A 41 -21.03 0.24 11.19
C ALA A 41 -21.41 1.70 10.96
N SER A 42 -20.44 2.60 10.88
CA SER A 42 -20.75 4.03 10.84
C SER A 42 -21.39 4.43 9.51
N GLN A 43 -21.01 3.78 8.40
CA GLN A 43 -21.46 4.16 7.06
C GLN A 43 -21.14 5.62 6.75
N ARG A 44 -20.02 6.10 7.27
CA ARG A 44 -19.56 7.47 7.07
C ARG A 44 -18.10 7.46 6.67
N MET A 45 -17.68 8.49 5.96
CA MET A 45 -16.26 8.74 5.78
C MET A 45 -15.65 9.07 7.14
N GLU A 46 -14.58 8.37 7.50
CA GLU A 46 -14.06 8.50 8.85
C GLU A 46 -12.65 9.09 8.84
N PRO A 47 -12.31 9.87 9.86
CA PRO A 47 -10.94 10.42 9.93
C PRO A 47 -9.94 9.35 10.34
N ARG A 48 -8.73 9.47 9.80
CA ARG A 48 -7.63 8.57 10.16
C ARG A 48 -6.35 9.31 10.50
N ALA A 49 -6.33 10.64 10.44
CA ALA A 49 -5.20 11.45 10.84
C ALA A 49 -5.69 12.57 11.76
N PRO A 50 -4.85 13.03 12.69
CA PRO A 50 -5.31 14.07 13.63
C PRO A 50 -5.70 15.36 12.95
N TRP A 51 -4.94 15.81 11.95
CA TRP A 51 -5.15 17.13 11.37
C TRP A 51 -6.41 17.24 10.51
N ILE A 52 -7.05 16.11 10.17
CA ILE A 52 -8.28 16.18 9.38
C ILE A 52 -9.53 16.30 10.24
N GLU A 53 -9.42 16.05 11.55
CA GLU A 53 -10.60 16.04 12.40
C GLU A 53 -11.20 17.43 12.58
N GLN A 54 -10.43 18.49 12.35
CA GLN A 54 -10.94 19.85 12.51
C GLN A 54 -11.91 20.26 11.41
N GLU A 55 -12.04 19.47 10.33
CA GLU A 55 -12.98 19.82 9.28
C GLU A 55 -14.40 19.75 9.80
N GLY A 56 -15.24 20.68 9.31
CA GLY A 56 -16.56 20.87 9.85
C GLY A 56 -17.54 19.78 9.43
N PRO A 57 -18.75 19.87 9.97
CA PRO A 57 -19.77 18.86 9.66
C PRO A 57 -20.13 18.77 8.18
N GLU A 58 -20.09 19.89 7.46
CA GLU A 58 -20.38 19.86 6.03
C GLU A 58 -19.36 19.04 5.27
N TYR A 59 -18.09 19.13 5.67
CA TYR A 59 -17.04 18.36 5.01
C TYR A 59 -17.33 16.86 5.08
N TRP A 60 -17.66 16.37 6.28
CA TRP A 60 -17.87 14.94 6.45
C TRP A 60 -19.18 14.49 5.80
N ASP A 61 -20.20 15.35 5.79
CA ASP A 61 -21.42 15.03 5.06
C ASP A 61 -21.16 14.95 3.57
N GLN A 62 -20.35 15.87 3.03
CA GLN A 62 -20.09 15.88 1.59
C GLN A 62 -19.21 14.70 1.18
N GLU A 63 -18.18 14.38 1.97
CA GLU A 63 -17.31 13.27 1.62
C GLU A 63 -18.04 11.94 1.71
N THR A 64 -18.94 11.81 2.69
CA THR A 64 -19.70 10.56 2.82
C THR A 64 -20.64 10.36 1.63
N ARG A 65 -21.35 11.41 1.21
CA ARG A 65 -22.27 11.26 0.09
C ARG A 65 -21.53 11.01 -1.21
N ASN A 66 -20.40 11.69 -1.42
CA ASN A 66 -19.67 11.51 -2.67
C ASN A 66 -19.00 10.15 -2.74
N VAL A 67 -18.52 9.63 -1.62
CA VAL A 67 -17.89 8.31 -1.64
C VAL A 67 -18.94 7.22 -1.76
N LYS A 68 -20.16 7.46 -1.27
CA LYS A 68 -21.24 6.52 -1.50
C LYS A 68 -21.67 6.53 -2.95
N ALA A 69 -21.67 7.70 -3.60
CA ALA A 69 -22.01 7.77 -5.01
C ALA A 69 -20.97 7.09 -5.88
N GLN A 70 -19.70 7.13 -5.47
CA GLN A 70 -18.68 6.38 -6.20
C GLN A 70 -18.91 4.88 -6.08
N SER A 71 -19.36 4.42 -4.91
CA SER A 71 -19.66 3.00 -4.74
C SER A 71 -20.83 2.56 -5.60
N GLN A 72 -21.88 3.40 -5.68
CA GLN A 72 -23.00 3.11 -6.56
C GLN A 72 -22.58 3.10 -8.02
N THR A 73 -21.64 3.96 -8.40
CA THR A 73 -21.11 3.94 -9.76
C THR A 73 -20.36 2.64 -10.03
N ASP A 74 -19.52 2.21 -9.09
CA ASP A 74 -18.82 0.94 -9.24
C ASP A 74 -19.80 -0.23 -9.33
N ARG A 75 -20.93 -0.15 -8.63
CA ARG A 75 -21.94 -1.21 -8.71
C ARG A 75 -22.45 -1.37 -10.14
N VAL A 76 -22.74 -0.26 -10.81
CA VAL A 76 -23.21 -0.32 -12.19
C VAL A 76 -22.09 -0.79 -13.11
N ASP A 77 -20.87 -0.30 -12.88
CA ASP A 77 -19.76 -0.65 -13.76
C ASP A 77 -19.36 -2.12 -13.62
N LEU A 78 -19.55 -2.71 -12.43
CA LEU A 78 -19.22 -4.12 -12.26
C LEU A 78 -20.08 -4.99 -13.16
N GLY A 79 -21.38 -4.69 -13.26
CA GLY A 79 -22.24 -5.45 -14.15
C GLY A 79 -22.03 -5.11 -15.61
N THR A 80 -21.71 -3.86 -15.90
CA THR A 80 -21.44 -3.46 -17.29
C THR A 80 -20.18 -4.14 -17.82
N LEU A 81 -19.09 -4.08 -17.06
CA LEU A 81 -17.86 -4.72 -17.49
C LEU A 81 -17.99 -6.24 -17.52
N ARG A 82 -18.87 -6.79 -16.68
CA ARG A 82 -19.18 -8.21 -16.76
C ARG A 82 -19.73 -8.57 -18.13
N GLY A 83 -20.56 -7.69 -18.70
CA GLY A 83 -21.06 -7.92 -20.04
C GLY A 83 -20.05 -7.63 -21.14
N TYR A 84 -19.20 -6.63 -20.92
CA TYR A 84 -18.15 -6.33 -21.90
C TYR A 84 -17.25 -7.53 -22.14
N TYR A 85 -16.83 -8.20 -21.06
CA TYR A 85 -15.89 -9.31 -21.15
C TYR A 85 -16.56 -10.67 -21.22
N ASN A 86 -17.89 -10.70 -21.39
CA ASN A 86 -18.63 -11.95 -21.62
C ASN A 86 -18.41 -12.95 -20.48
N GLN A 87 -18.66 -12.50 -19.26
CA GLN A 87 -18.47 -13.31 -18.06
C GLN A 87 -19.80 -13.59 -17.41
N SER A 88 -19.85 -14.68 -16.64
CA SER A 88 -21.08 -15.10 -15.97
C SER A 88 -21.28 -14.31 -14.68
N GLU A 89 -22.51 -14.40 -14.16
CA GLU A 89 -22.87 -13.73 -12.91
C GLU A 89 -22.38 -14.47 -11.67
N ALA A 90 -21.76 -15.64 -11.82
CA ALA A 90 -21.37 -16.43 -10.66
C ALA A 90 -20.04 -15.98 -10.06
N GLY A 91 -19.14 -15.43 -10.86
CA GLY A 91 -17.81 -15.12 -10.38
C GLY A 91 -17.74 -13.78 -9.67
N SER A 92 -16.72 -13.65 -8.83
CA SER A 92 -16.42 -12.39 -8.14
C SER A 92 -15.39 -11.61 -8.94
N HIS A 93 -15.64 -10.32 -9.13
CA HIS A 93 -14.77 -9.46 -9.91
C HIS A 93 -14.51 -8.16 -9.14
N THR A 94 -13.46 -7.46 -9.55
CA THR A 94 -12.94 -6.33 -8.79
C THR A 94 -12.71 -5.13 -9.70
N ILE A 95 -13.17 -3.97 -9.27
CA ILE A 95 -12.84 -2.69 -9.91
C ILE A 95 -12.01 -1.88 -8.93
N GLN A 96 -10.87 -1.38 -9.40
CA GLN A 96 -9.98 -0.56 -8.60
C GLN A 96 -9.75 0.78 -9.30
N ILE A 97 -9.71 1.85 -8.51
CA ILE A 97 -9.55 3.21 -9.03
C ILE A 97 -8.54 3.94 -8.16
N MET A 98 -7.62 4.66 -8.80
CA MET A 98 -6.71 5.55 -8.09
C MET A 98 -6.62 6.86 -8.87
N TYR A 99 -6.70 7.98 -8.15
CA TYR A 99 -6.45 9.28 -8.75
C TYR A 99 -5.89 10.21 -7.69
N GLY A 100 -5.30 11.31 -8.16
CA GLY A 100 -4.72 12.28 -7.26
C GLY A 100 -3.88 13.30 -8.00
N CYS A 101 -3.14 14.08 -7.22
CA CYS A 101 -2.34 15.18 -7.75
C CYS A 101 -1.06 15.32 -6.95
N ASP A 102 -0.03 15.86 -7.61
CA ASP A 102 1.25 16.16 -6.97
C ASP A 102 1.48 17.66 -6.98
N VAL A 103 2.09 18.18 -5.92
CA VAL A 103 2.51 19.58 -5.86
C VAL A 103 3.97 19.64 -5.44
N GLY A 104 4.62 20.75 -5.79
CA GLY A 104 5.99 20.99 -5.41
C GLY A 104 6.10 21.60 -4.03
N SER A 105 7.36 21.84 -3.62
CA SER A 105 7.60 22.41 -2.29
C SER A 105 7.03 23.82 -2.18
N ASP A 106 6.88 24.52 -3.29
CA ASP A 106 6.25 25.84 -3.31
C ASP A 106 4.75 25.76 -3.56
N GLY A 107 4.17 24.57 -3.54
CA GLY A 107 2.74 24.41 -3.71
C GLY A 107 2.26 24.36 -5.15
N ARG A 108 3.14 24.56 -6.13
CA ARG A 108 2.73 24.58 -7.52
C ARG A 108 2.28 23.20 -7.98
N PHE A 109 1.30 23.19 -8.88
CA PHE A 109 0.83 21.93 -9.46
C PHE A 109 1.91 21.31 -10.31
N LEU A 110 2.15 20.01 -10.10
CA LEU A 110 3.12 19.24 -10.88
C LEU A 110 2.46 18.30 -11.88
N ARG A 111 1.53 17.46 -11.42
CA ARG A 111 0.87 16.51 -12.31
C ARG A 111 -0.39 15.99 -11.64
N GLY A 112 -1.32 15.53 -12.47
CA GLY A 112 -2.50 14.82 -12.00
C GLY A 112 -2.64 13.50 -12.73
N TYR A 113 -3.47 12.62 -12.17
CA TYR A 113 -3.56 11.28 -12.73
C TYR A 113 -4.85 10.61 -12.28
N ARG A 114 -5.31 9.66 -13.10
CA ARG A 114 -6.36 8.73 -12.74
C ARG A 114 -6.18 7.45 -13.53
N GLN A 115 -6.23 6.32 -12.84
CA GLN A 115 -6.12 5.01 -13.48
C GLN A 115 -7.18 4.08 -12.90
N ASP A 116 -7.82 3.31 -13.78
CA ASP A 116 -8.83 2.34 -13.40
C ASP A 116 -8.40 0.94 -13.82
N ALA A 117 -8.85 -0.06 -13.06
CA ALA A 117 -8.48 -1.45 -13.32
C ALA A 117 -9.71 -2.33 -13.20
N TYR A 118 -9.59 -3.53 -13.79
CA TYR A 118 -10.62 -4.56 -13.67
C TYR A 118 -9.93 -5.90 -13.47
N ASP A 119 -10.25 -6.57 -12.36
CA ASP A 119 -9.62 -7.85 -12.00
C ASP A 119 -8.10 -7.74 -11.97
N GLY A 120 -7.60 -6.63 -11.43
CA GLY A 120 -6.18 -6.47 -11.21
C GLY A 120 -5.37 -6.16 -12.45
N LYS A 121 -6.01 -5.80 -13.57
CA LYS A 121 -5.31 -5.43 -14.78
C LYS A 121 -5.82 -4.08 -15.26
N ASP A 122 -4.96 -3.37 -15.99
CA ASP A 122 -5.33 -2.05 -16.51
C ASP A 122 -6.62 -2.12 -17.30
N TYR A 123 -7.49 -1.13 -17.08
CA TYR A 123 -8.71 -0.98 -17.85
C TYR A 123 -8.66 0.31 -18.67
N ILE A 124 -8.73 1.46 -18.03
CA ILE A 124 -8.62 2.75 -18.70
C ILE A 124 -7.84 3.69 -17.81
N ALA A 125 -7.12 4.63 -18.44
CA ALA A 125 -6.30 5.59 -17.71
C ALA A 125 -6.34 6.93 -18.40
N LEU A 126 -6.30 7.99 -17.61
CA LEU A 126 -6.16 9.34 -18.14
C LEU A 126 -4.70 9.61 -18.49
N ASN A 127 -4.50 10.27 -19.63
CA ASN A 127 -3.14 10.57 -20.06
C ASN A 127 -2.57 11.73 -19.26
N GLU A 128 -1.26 11.95 -19.41
CA GLU A 128 -0.57 12.99 -18.67
C GLU A 128 -1.15 14.38 -18.95
N ASP A 129 -1.60 14.62 -20.18
CA ASP A 129 -2.10 15.94 -20.54
C ASP A 129 -3.47 16.24 -19.94
N LEU A 130 -4.08 15.27 -19.25
CA LEU A 130 -5.41 15.40 -18.65
C LEU A 130 -6.49 15.74 -19.67
N ARG A 131 -6.27 15.37 -20.93
CA ARG A 131 -7.23 15.66 -21.99
C ARG A 131 -7.72 14.43 -22.74
N SER A 132 -6.98 13.33 -22.74
CA SER A 132 -7.33 12.15 -23.50
C SER A 132 -7.18 10.91 -22.63
N TRP A 133 -7.72 9.80 -23.11
CA TRP A 133 -7.74 8.53 -22.38
C TRP A 133 -6.96 7.48 -23.15
N THR A 134 -6.48 6.47 -22.43
CA THR A 134 -5.84 5.30 -23.01
C THR A 134 -6.55 4.06 -22.48
N ALA A 135 -7.23 3.35 -23.38
CA ALA A 135 -7.89 2.10 -23.02
C ALA A 135 -6.94 0.93 -23.21
N ALA A 136 -7.01 -0.04 -22.29
CA ALA A 136 -6.08 -1.17 -22.32
C ALA A 136 -6.47 -2.24 -23.32
N ASP A 137 -7.74 -2.33 -23.70
CA ASP A 137 -8.18 -3.32 -24.67
C ASP A 137 -9.39 -2.76 -25.43
N MET A 138 -9.96 -3.58 -26.31
CA MET A 138 -11.08 -3.12 -27.11
C MET A 138 -12.36 -2.97 -26.28
N ALA A 139 -12.47 -3.72 -25.18
CA ALA A 139 -13.63 -3.57 -24.30
C ALA A 139 -13.60 -2.23 -23.58
N ALA A 140 -12.44 -1.85 -23.04
CA ALA A 140 -12.32 -0.56 -22.39
C ALA A 140 -12.47 0.60 -23.36
N GLN A 141 -12.28 0.36 -24.66
CA GLN A 141 -12.49 1.41 -25.64
C GLN A 141 -13.95 1.85 -25.69
N ILE A 142 -14.86 0.95 -25.35
CA ILE A 142 -16.28 1.31 -25.24
C ILE A 142 -16.48 2.37 -24.17
N THR A 143 -15.83 2.20 -23.02
CA THR A 143 -15.90 3.20 -21.97
C THR A 143 -15.24 4.51 -22.43
N LYS A 144 -14.14 4.42 -23.16
CA LYS A 144 -13.43 5.62 -23.61
C LYS A 144 -14.32 6.47 -24.51
N ARG A 145 -14.98 5.84 -25.49
CA ARG A 145 -15.89 6.59 -26.34
C ARG A 145 -17.05 7.18 -25.55
N LYS A 146 -17.51 6.48 -24.52
CA LYS A 146 -18.57 7.01 -23.67
C LYS A 146 -18.07 8.19 -22.85
N TRP A 147 -16.84 8.13 -22.34
CA TRP A 147 -16.29 9.23 -21.57
C TRP A 147 -15.87 10.40 -22.45
N GLU A 148 -15.53 10.13 -23.71
CA GLU A 148 -15.21 11.21 -24.64
C GLU A 148 -16.46 12.01 -24.98
N ALA A 149 -17.57 11.32 -25.29
CA ALA A 149 -18.80 12.01 -25.64
C ALA A 149 -19.37 12.79 -24.47
N ALA A 150 -19.15 12.32 -23.24
CA ALA A 150 -19.62 13.01 -22.05
C ALA A 150 -18.65 14.10 -21.59
N HIS A 151 -17.51 14.25 -22.26
CA HIS A 151 -16.50 15.24 -21.88
C HIS A 151 -16.07 15.06 -20.43
N GLU A 152 -15.86 13.81 -20.03
CA GLU A 152 -15.50 13.50 -18.65
C GLU A 152 -14.11 14.02 -18.31
N ALA A 153 -13.20 14.06 -19.29
CA ALA A 153 -11.84 14.51 -19.02
C ALA A 153 -11.80 15.96 -18.53
N GLU A 154 -12.60 16.83 -19.16
CA GLU A 154 -12.59 18.23 -18.77
C GLU A 154 -13.12 18.41 -17.35
N GLN A 155 -14.13 17.61 -16.97
CA GLN A 155 -14.62 17.65 -15.59
C GLN A 155 -13.58 17.13 -14.62
N LEU A 156 -12.93 16.02 -14.96
CA LEU A 156 -11.93 15.44 -14.07
C LEU A 156 -10.69 16.32 -13.97
N ARG A 157 -10.32 16.99 -15.07
CA ARG A 157 -9.14 17.85 -15.04
C ARG A 157 -9.32 19.01 -14.08
N ALA A 158 -10.51 19.61 -14.07
CA ALA A 158 -10.76 20.74 -13.17
C ALA A 158 -10.59 20.34 -11.71
N TYR A 159 -10.82 19.06 -11.39
CA TYR A 159 -10.51 18.56 -10.07
C TYR A 159 -9.01 18.31 -9.91
N LEU A 160 -8.42 17.58 -10.85
CA LEU A 160 -7.06 17.07 -10.66
C LEU A 160 -6.03 18.18 -10.61
N ASP A 161 -6.15 19.20 -11.46
CA ASP A 161 -5.20 20.31 -11.43
C ASP A 161 -5.77 21.55 -10.76
N GLY A 162 -6.92 21.45 -10.11
CA GLY A 162 -7.51 22.57 -9.42
C GLY A 162 -7.96 22.25 -8.00
N THR A 163 -9.13 21.61 -7.87
CA THR A 163 -9.67 21.29 -6.56
C THR A 163 -8.73 20.39 -5.76
N CYS A 164 -8.15 19.38 -6.43
CA CYS A 164 -7.21 18.49 -5.75
C CYS A 164 -6.03 19.25 -5.19
N VAL A 165 -5.49 20.20 -5.97
CA VAL A 165 -4.36 21.00 -5.50
C VAL A 165 -4.77 21.89 -4.34
N GLU A 166 -5.98 22.46 -4.41
CA GLU A 166 -6.46 23.35 -3.35
C GLU A 166 -6.53 22.63 -2.01
N TRP A 167 -7.08 21.40 -2.00
CA TRP A 167 -7.21 20.68 -0.75
C TRP A 167 -5.87 20.16 -0.25
N LEU A 168 -5.00 19.73 -1.17
CA LEU A 168 -3.68 19.25 -0.76
C LEU A 168 -2.88 20.36 -0.07
N ARG A 169 -2.95 21.59 -0.60
CA ARG A 169 -2.28 22.70 0.05
C ARG A 169 -2.81 22.95 1.45
N ARG A 170 -4.13 22.85 1.62
CA ARG A 170 -4.72 23.07 2.94
C ARG A 170 -4.33 21.96 3.90
N TYR A 171 -4.35 20.70 3.44
CA TYR A 171 -3.96 19.59 4.30
C TYR A 171 -2.49 19.71 4.71
N LEU A 172 -1.62 20.09 3.77
CA LEU A 172 -0.20 20.23 4.10
C LEU A 172 0.03 21.32 5.14
N GLU A 173 -0.79 22.38 5.10
CA GLU A 173 -0.68 23.43 6.11
C GLU A 173 -1.28 22.98 7.44
N ASN A 174 -2.46 22.36 7.41
CA ASN A 174 -3.10 21.93 8.64
C ASN A 174 -2.30 20.84 9.35
N GLY A 175 -1.63 19.97 8.59
CA GLY A 175 -0.84 18.91 9.19
C GLY A 175 0.66 19.13 9.06
N LYS A 176 1.08 20.39 9.07
CA LYS A 176 2.49 20.71 8.85
C LYS A 176 3.38 20.07 9.92
N GLU A 177 2.87 19.90 11.14
CA GLU A 177 3.70 19.38 12.22
C GLU A 177 4.04 17.90 12.04
N THR A 178 3.30 17.18 11.20
CA THR A 178 3.54 15.76 10.97
C THR A 178 3.71 15.36 9.53
N LEU A 179 3.28 16.16 8.56
CA LEU A 179 3.42 15.81 7.15
C LEU A 179 4.71 16.34 6.53
N GLN A 180 5.33 17.35 7.13
CA GLN A 180 6.57 17.91 6.62
C GLN A 180 7.81 17.27 7.23
N ARG A 181 7.65 16.15 7.94
CA ARG A 181 8.77 15.49 8.58
C ARG A 181 9.42 14.50 7.62
N THR A 182 10.73 14.32 7.80
CA THR A 182 11.50 13.34 7.04
C THR A 182 12.45 12.65 8.00
N ASP A 183 12.20 11.37 8.29
CA ASP A 183 13.03 10.61 9.22
C ASP A 183 14.06 9.82 8.43
N PRO A 184 15.36 10.02 8.68
CA PRO A 184 16.36 9.24 7.97
C PRO A 184 16.38 7.82 8.47
N PRO A 185 16.79 6.86 7.64
CA PRO A 185 16.81 5.45 8.09
C PRO A 185 17.97 5.19 9.02
N LYS A 186 17.68 4.44 10.09
CA LYS A 186 18.72 3.93 10.98
C LYS A 186 19.29 2.65 10.37
N THR A 187 20.59 2.64 10.13
CA THR A 187 21.24 1.58 9.37
C THR A 187 22.14 0.73 10.26
N HIS A 188 22.19 -0.56 9.97
CA HIS A 188 23.09 -1.50 10.62
C HIS A 188 23.08 -2.80 9.83
N MET A 189 24.04 -3.67 10.14
CA MET A 189 24.21 -4.93 9.43
C MET A 189 24.32 -6.08 10.42
N THR A 190 23.83 -7.24 10.00
CA THR A 190 23.89 -8.44 10.82
C THR A 190 24.55 -9.57 10.03
N HIS A 191 24.94 -10.61 10.76
CA HIS A 191 25.74 -11.70 10.20
C HIS A 191 25.20 -13.02 10.75
N HIS A 192 24.82 -13.92 9.85
CA HIS A 192 24.17 -15.17 10.23
C HIS A 192 24.80 -16.34 9.47
N PRO A 193 25.66 -17.13 10.11
CA PRO A 193 26.20 -18.32 9.44
C PRO A 193 25.09 -19.31 9.11
N ILE A 194 25.14 -19.85 7.89
CA ILE A 194 24.23 -20.90 7.47
C ILE A 194 24.90 -22.27 7.42
N SER A 195 26.21 -22.32 7.61
CA SER A 195 27.00 -23.56 7.60
C SER A 195 28.39 -23.21 8.12
N ASP A 196 29.33 -24.15 7.97
CA ASP A 196 30.71 -23.88 8.34
C ASP A 196 31.41 -22.98 7.32
N HIS A 197 30.86 -22.85 6.11
CA HIS A 197 31.56 -22.19 5.02
C HIS A 197 30.87 -20.95 4.48
N GLU A 198 29.60 -20.72 4.82
CA GLU A 198 28.85 -19.59 4.28
C GLU A 198 28.10 -18.89 5.40
N ALA A 199 27.75 -17.63 5.14
CA ALA A 199 27.04 -16.81 6.11
C ALA A 199 26.19 -15.79 5.37
N THR A 200 25.11 -15.37 6.02
CA THR A 200 24.19 -14.38 5.45
C THR A 200 24.52 -13.01 6.02
N LEU A 201 24.77 -12.05 5.13
CA LEU A 201 24.93 -10.65 5.51
C LEU A 201 23.63 -9.92 5.19
N ARG A 202 22.98 -9.40 6.22
CA ARG A 202 21.70 -8.72 6.08
C ARG A 202 21.88 -7.24 6.42
N CYS A 203 21.50 -6.37 5.49
CA CYS A 203 21.64 -4.93 5.63
C CYS A 203 20.29 -4.34 6.00
N TRP A 204 20.23 -3.63 7.12
CA TRP A 204 18.97 -3.17 7.70
C TRP A 204 18.79 -1.66 7.53
N ALA A 205 17.54 -1.25 7.33
CA ALA A 205 17.15 0.15 7.33
C ALA A 205 15.82 0.26 8.05
N LEU A 206 15.79 1.02 9.14
CA LEU A 206 14.64 1.07 10.02
C LEU A 206 14.23 2.51 10.31
N GLY A 207 12.94 2.69 10.56
CA GLY A 207 12.42 3.96 11.05
C GLY A 207 12.58 5.14 10.11
N PHE A 208 12.38 4.92 8.81
CA PHE A 208 12.51 5.99 7.83
C PHE A 208 11.14 6.38 7.29
N TYR A 209 11.06 7.63 6.80
CA TYR A 209 9.86 8.18 6.21
C TYR A 209 10.32 9.27 5.24
N PRO A 210 9.78 9.31 4.01
CA PRO A 210 8.76 8.40 3.49
C PRO A 210 9.30 7.02 3.12
N ALA A 211 8.44 6.17 2.53
CA ALA A 211 8.77 4.78 2.28
C ALA A 211 9.83 4.60 1.20
N GLU A 212 9.96 5.55 0.27
CA GLU A 212 10.90 5.40 -0.83
C GLU A 212 12.33 5.26 -0.31
N ILE A 213 13.00 4.18 -0.71
CA ILE A 213 14.36 3.90 -0.26
C ILE A 213 14.99 2.94 -1.25
N THR A 214 16.32 2.87 -1.25
CA THR A 214 17.06 2.02 -2.16
C THR A 214 18.16 1.30 -1.40
N LEU A 215 18.18 -0.04 -1.49
CA LEU A 215 19.20 -0.87 -0.89
C LEU A 215 19.84 -1.74 -1.96
N THR A 216 21.16 -1.68 -2.05
CA THR A 216 21.91 -2.47 -3.03
C THR A 216 23.16 -3.04 -2.39
N TRP A 217 23.56 -4.22 -2.86
CA TRP A 217 24.82 -4.84 -2.46
C TRP A 217 25.85 -4.71 -3.58
N GLN A 218 27.11 -4.78 -3.19
CA GLN A 218 28.21 -4.60 -4.14
C GLN A 218 29.41 -5.42 -3.66
N ARG A 219 30.13 -6.00 -4.62
CA ARG A 219 31.26 -6.88 -4.32
C ARG A 219 32.46 -6.44 -5.14
N ASP A 220 33.46 -5.86 -4.46
CA ASP A 220 34.69 -5.40 -5.11
C ASP A 220 34.40 -4.37 -6.20
N GLY A 221 33.35 -3.56 -5.99
CA GLY A 221 32.96 -2.56 -6.96
C GLY A 221 32.00 -3.13 -7.98
N GLU A 222 32.13 -4.42 -8.25
CA GLU A 222 31.22 -5.10 -9.16
C GLU A 222 29.87 -5.30 -8.47
N ASP A 223 28.81 -4.81 -9.11
CA ASP A 223 27.49 -4.91 -8.52
C ASP A 223 27.05 -6.37 -8.42
N GLN A 224 26.25 -6.67 -7.40
CA GLN A 224 25.88 -8.04 -7.08
C GLN A 224 24.62 -8.50 -7.85
N THR A 225 23.56 -7.69 -7.80
CA THR A 225 22.33 -7.89 -8.57
C THR A 225 21.66 -9.19 -8.13
N GLN A 226 21.55 -10.21 -8.99
CA GLN A 226 20.63 -11.32 -8.82
C GLN A 226 21.01 -12.29 -7.69
N ASP A 227 22.10 -12.04 -6.97
CA ASP A 227 22.46 -12.86 -5.82
C ASP A 227 22.01 -12.24 -4.50
N THR A 228 21.04 -11.33 -4.54
CA THR A 228 20.58 -10.59 -3.39
C THR A 228 19.10 -10.86 -3.14
N GLU A 229 18.74 -11.04 -1.87
CA GLU A 229 17.36 -11.18 -1.46
C GLU A 229 16.88 -9.83 -0.94
N LEU A 230 15.87 -9.25 -1.59
CA LEU A 230 15.35 -7.93 -1.25
C LEU A 230 13.86 -8.07 -0.93
N VAL A 231 13.50 -7.78 0.32
CA VAL A 231 12.11 -7.86 0.75
C VAL A 231 11.40 -6.54 0.47
N GLU A 232 10.08 -6.61 0.35
CA GLU A 232 9.28 -5.42 0.13
C GLU A 232 9.35 -4.49 1.33
N THR A 233 9.32 -3.19 1.06
CA THR A 233 9.28 -2.20 2.12
C THR A 233 8.01 -2.38 2.94
N ARG A 234 8.16 -2.39 4.26
CA ARG A 234 7.05 -2.74 5.14
C ARG A 234 6.83 -1.65 6.18
N PRO A 235 5.59 -1.42 6.58
CA PRO A 235 5.31 -0.41 7.60
C PRO A 235 5.62 -0.94 9.00
N ALA A 236 6.21 -0.07 9.83
CA ALA A 236 6.46 -0.42 11.21
C ALA A 236 5.20 -0.38 12.06
N GLY A 237 4.18 0.38 11.64
CA GLY A 237 2.96 0.53 12.40
C GLY A 237 2.84 1.86 13.11
N ASP A 238 3.92 2.63 13.22
CA ASP A 238 3.92 3.92 13.89
C ASP A 238 4.03 5.09 12.92
N GLY A 239 4.00 4.84 11.61
CA GLY A 239 4.18 5.86 10.61
C GLY A 239 5.49 5.79 9.87
N THR A 240 6.41 4.94 10.30
CA THR A 240 7.70 4.75 9.64
C THR A 240 7.70 3.41 8.91
N PHE A 241 8.80 3.14 8.21
CA PHE A 241 8.91 1.96 7.36
C PHE A 241 10.23 1.25 7.60
N GLN A 242 10.28 -0.01 7.16
CA GLN A 242 11.45 -0.87 7.34
C GLN A 242 11.72 -1.60 6.02
N LYS A 243 12.96 -2.05 5.88
CA LYS A 243 13.39 -2.82 4.70
C LYS A 243 14.76 -3.40 4.99
N TRP A 244 15.02 -4.58 4.42
CA TRP A 244 16.35 -5.16 4.51
C TRP A 244 16.69 -5.90 3.22
N ALA A 245 17.99 -6.10 3.02
CA ALA A 245 18.53 -6.84 1.89
C ALA A 245 19.62 -7.77 2.38
N ALA A 246 19.63 -9.00 1.87
CA ALA A 246 20.56 -10.02 2.34
C ALA A 246 21.34 -10.60 1.16
N VAL A 247 22.50 -11.16 1.48
CA VAL A 247 23.34 -11.83 0.50
C VAL A 247 24.15 -12.91 1.21
N VAL A 248 24.24 -14.08 0.59
CA VAL A 248 25.00 -15.19 1.12
C VAL A 248 26.44 -15.08 0.62
N VAL A 249 27.39 -15.00 1.55
CA VAL A 249 28.79 -14.79 1.19
C VAL A 249 29.63 -15.96 1.72
N PRO A 250 30.78 -16.24 1.12
CA PRO A 250 31.67 -17.26 1.70
C PRO A 250 32.29 -16.75 3.00
N SER A 251 32.46 -17.66 3.95
CA SER A 251 33.05 -17.30 5.24
C SER A 251 34.49 -16.85 5.04
N GLY A 252 34.82 -15.69 5.60
CA GLY A 252 36.13 -15.11 5.46
C GLY A 252 36.24 -14.02 4.41
N GLU A 253 35.23 -13.89 3.54
CA GLU A 253 35.22 -12.87 2.49
C GLU A 253 34.18 -11.79 2.73
N GLU A 254 33.76 -11.60 3.98
CA GLU A 254 32.74 -10.60 4.27
C GLU A 254 33.23 -9.19 3.97
N GLN A 255 34.55 -8.96 4.05
CA GLN A 255 35.11 -7.64 3.80
C GLN A 255 34.99 -7.21 2.35
N ARG A 256 34.66 -8.12 1.44
CA ARG A 256 34.55 -7.82 0.02
C ARG A 256 33.19 -7.28 -0.38
N TYR A 257 32.22 -7.29 0.54
CA TYR A 257 30.85 -6.90 0.23
C TYR A 257 30.51 -5.59 0.94
N THR A 258 29.76 -4.73 0.25
CA THR A 258 29.35 -3.44 0.79
C THR A 258 27.87 -3.22 0.50
N CYS A 259 27.16 -2.69 1.50
CA CYS A 259 25.76 -2.32 1.34
C CYS A 259 25.66 -0.82 1.13
N HIS A 260 24.77 -0.42 0.22
CA HIS A 260 24.58 0.98 -0.14
C HIS A 260 23.13 1.38 0.10
N VAL A 261 22.95 2.46 0.85
CA VAL A 261 21.63 2.92 1.26
C VAL A 261 21.39 4.30 0.66
N GLN A 262 20.24 4.48 0.02
CA GLN A 262 19.86 5.76 -0.58
C GLN A 262 18.49 6.15 -0.06
N HIS A 263 18.41 7.35 0.54
CA HIS A 263 17.16 7.88 1.07
C HIS A 263 17.27 9.39 1.06
N GLU A 264 16.16 10.07 0.74
CA GLU A 264 16.18 11.52 0.64
C GLU A 264 16.51 12.19 1.97
N GLY A 265 16.27 11.51 3.09
CA GLY A 265 16.66 12.01 4.39
C GLY A 265 18.12 11.83 4.73
N LEU A 266 18.94 11.39 3.78
CA LEU A 266 20.36 11.18 3.99
C LEU A 266 21.16 12.16 3.14
N PRO A 267 22.11 12.90 3.73
CA PRO A 267 22.88 13.85 2.92
C PRO A 267 23.74 13.19 1.86
N LYS A 268 24.29 12.00 2.16
CA LYS A 268 25.13 11.26 1.23
C LYS A 268 24.77 9.79 1.38
N PRO A 269 24.71 9.04 0.27
CA PRO A 269 24.38 7.62 0.36
C PRO A 269 25.37 6.87 1.23
N LEU A 270 24.84 6.07 2.15
CA LEU A 270 25.67 5.36 3.12
C LEU A 270 26.29 4.11 2.51
N THR A 271 27.50 3.79 2.97
CA THR A 271 28.21 2.59 2.56
C THR A 271 28.59 1.81 3.81
N LEU A 272 28.02 0.62 3.96
CA LEU A 272 28.27 -0.22 5.12
C LEU A 272 29.12 -1.43 4.72
N ARG A 273 30.05 -1.80 5.60
CA ARG A 273 30.89 -2.97 5.41
C ARG A 273 31.02 -3.70 6.73
N TRP A 274 30.82 -5.02 6.72
CA TRP A 274 30.88 -5.82 7.93
C TRP A 274 32.29 -5.80 8.52
N ILE B 2 -4.11 -14.27 -13.53
CA ILE B 2 -5.01 -13.30 -12.89
C ILE B 2 -4.71 -13.23 -11.40
N GLN B 3 -4.43 -14.39 -10.80
CA GLN B 3 -4.27 -14.50 -9.36
C GLN B 3 -2.80 -14.47 -8.97
N ARG B 4 -2.49 -13.74 -7.89
CA ARG B 4 -1.13 -13.56 -7.40
C ARG B 4 -1.10 -13.92 -5.92
N THR B 5 -0.09 -14.69 -5.52
CA THR B 5 0.00 -15.17 -4.15
C THR B 5 0.59 -14.10 -3.23
N PRO B 6 0.14 -14.05 -1.98
CA PRO B 6 0.64 -13.01 -1.06
C PRO B 6 2.05 -13.30 -0.58
N LYS B 7 2.84 -12.23 -0.46
CA LYS B 7 4.14 -12.28 0.21
C LYS B 7 3.94 -11.93 1.67
N ILE B 8 4.47 -12.76 2.56
CA ILE B 8 4.19 -12.67 3.99
C ILE B 8 5.48 -12.30 4.72
N GLN B 9 5.40 -11.28 5.57
CA GLN B 9 6.50 -10.89 6.44
C GLN B 9 5.99 -10.78 7.87
N VAL B 10 6.66 -11.48 8.79
CA VAL B 10 6.32 -11.45 10.21
C VAL B 10 7.48 -10.79 10.95
N TYR B 11 7.18 -9.72 11.68
CA TYR B 11 8.23 -8.90 12.27
C TYR B 11 7.63 -8.08 13.41
N SER B 12 8.51 -7.52 14.23
CA SER B 12 8.12 -6.65 15.32
C SER B 12 8.38 -5.19 14.94
N ARG B 13 7.59 -4.29 15.54
CA ARG B 13 7.74 -2.86 15.25
C ARG B 13 9.10 -2.35 15.70
N HIS B 14 9.50 -2.69 16.92
CA HIS B 14 10.76 -2.29 17.50
C HIS B 14 11.67 -3.50 17.67
N PRO B 15 12.98 -3.28 17.84
CA PRO B 15 13.88 -4.42 18.10
C PRO B 15 13.41 -5.25 19.28
N ALA B 16 13.39 -6.57 19.09
CA ALA B 16 12.84 -7.47 20.09
C ALA B 16 13.72 -7.47 21.35
N GLU B 17 13.05 -7.44 22.51
CA GLU B 17 13.74 -7.51 23.80
C GLU B 17 12.79 -8.18 24.78
N ASN B 18 13.21 -9.31 25.35
CA ASN B 18 12.32 -10.10 26.18
C ASN B 18 11.89 -9.34 27.42
N GLY B 19 10.58 -9.33 27.67
CA GLY B 19 10.01 -8.67 28.83
C GLY B 19 9.39 -7.32 28.55
N LYS B 20 9.70 -6.70 27.40
CA LYS B 20 9.23 -5.37 27.08
C LYS B 20 8.11 -5.43 26.05
N SER B 21 7.07 -4.65 26.29
CA SER B 21 5.93 -4.61 25.38
C SER B 21 6.35 -4.11 24.00
N ASN B 22 5.77 -4.71 22.97
CA ASN B 22 6.13 -4.41 21.59
C ASN B 22 4.87 -4.56 20.73
N PHE B 23 5.07 -4.61 19.42
CA PHE B 23 3.97 -4.80 18.47
C PHE B 23 4.37 -5.86 17.46
N LEU B 24 3.52 -6.88 17.29
CA LEU B 24 3.75 -7.97 16.35
C LEU B 24 3.00 -7.66 15.05
N ASN B 25 3.74 -7.60 13.95
CA ASN B 25 3.19 -7.26 12.65
C ASN B 25 3.24 -8.46 11.71
N CYS B 26 2.20 -8.58 10.88
CA CYS B 26 2.20 -9.50 9.75
C CYS B 26 1.78 -8.70 8.52
N TYR B 27 2.70 -8.50 7.60
CA TYR B 27 2.48 -7.70 6.40
C TYR B 27 2.32 -8.63 5.21
N VAL B 28 1.15 -8.60 4.58
CA VAL B 28 0.85 -9.39 3.39
C VAL B 28 0.68 -8.42 2.22
N SER B 29 1.34 -8.71 1.11
CA SER B 29 1.35 -7.80 -0.02
C SER B 29 1.45 -8.60 -1.32
N GLY B 30 1.15 -7.92 -2.42
CA GLY B 30 1.32 -8.51 -3.73
C GLY B 30 0.30 -9.54 -4.13
N PHE B 31 -0.84 -9.61 -3.44
CA PHE B 31 -1.83 -10.65 -3.70
C PHE B 31 -3.04 -10.09 -4.44
N HIS B 32 -3.72 -10.99 -5.13
CA HIS B 32 -4.94 -10.72 -5.88
C HIS B 32 -5.63 -12.04 -6.15
N PRO B 33 -6.95 -12.15 -5.91
CA PRO B 33 -7.89 -11.11 -5.46
C PRO B 33 -7.71 -10.70 -4.01
N SER B 34 -8.56 -9.76 -3.56
CA SER B 34 -8.38 -9.15 -2.24
C SER B 34 -8.83 -10.03 -1.09
N ASP B 35 -9.69 -11.01 -1.34
CA ASP B 35 -10.16 -11.87 -0.25
C ASP B 35 -8.98 -12.65 0.34
N ILE B 36 -8.79 -12.51 1.65
CA ILE B 36 -7.66 -13.13 2.32
C ILE B 36 -8.04 -13.32 3.79
N GLU B 37 -7.45 -14.33 4.41
CA GLU B 37 -7.66 -14.62 5.82
C GLU B 37 -6.30 -14.63 6.50
N VAL B 38 -6.12 -13.75 7.48
CA VAL B 38 -4.85 -13.58 8.17
C VAL B 38 -5.11 -13.66 9.68
N ASP B 39 -4.35 -14.53 10.35
CA ASP B 39 -4.45 -14.68 11.80
C ASP B 39 -3.06 -14.66 12.40
N LEU B 40 -2.94 -14.07 13.58
CA LEU B 40 -1.72 -14.10 14.37
C LEU B 40 -1.83 -15.21 15.41
N LEU B 41 -0.80 -16.04 15.50
CA LEU B 41 -0.82 -17.20 16.36
C LEU B 41 0.20 -17.05 17.49
N LYS B 42 -0.20 -17.45 18.69
CA LYS B 42 0.68 -17.53 19.85
C LYS B 42 0.66 -18.97 20.35
N ASN B 43 1.78 -19.67 20.18
CA ASN B 43 1.89 -21.09 20.54
C ASN B 43 0.84 -21.92 19.80
N GLY B 44 0.57 -21.55 18.54
CA GLY B 44 -0.36 -22.28 17.71
C GLY B 44 -1.81 -21.87 17.84
N GLU B 45 -2.15 -21.02 18.80
CA GLU B 45 -3.53 -20.63 19.05
C GLU B 45 -3.77 -19.22 18.53
N ARG B 46 -4.97 -19.00 17.99
CA ARG B 46 -5.30 -17.71 17.39
C ARG B 46 -5.41 -16.63 18.46
N ILE B 47 -4.87 -15.45 18.15
CA ILE B 47 -4.95 -14.30 19.04
C ILE B 47 -6.24 -13.55 18.74
N GLU B 48 -6.98 -13.19 19.80
CA GLU B 48 -8.28 -12.57 19.64
C GLU B 48 -8.17 -11.11 19.20
N LYS B 49 -7.51 -10.28 20.01
CA LYS B 49 -7.40 -8.85 19.74
C LYS B 49 -6.35 -8.63 18.67
N VAL B 50 -6.80 -8.57 17.41
CA VAL B 50 -5.91 -8.34 16.27
C VAL B 50 -6.58 -7.33 15.35
N GLU B 51 -5.90 -6.22 15.09
CA GLU B 51 -6.39 -5.18 14.19
C GLU B 51 -5.68 -5.28 12.84
N HIS B 52 -6.27 -4.61 11.85
CA HIS B 52 -5.68 -4.58 10.53
C HIS B 52 -5.95 -3.23 9.88
N SER B 53 -5.09 -2.88 8.92
CA SER B 53 -5.22 -1.64 8.18
C SER B 53 -6.32 -1.75 7.13
N ASP B 54 -6.68 -0.61 6.55
CA ASP B 54 -7.68 -0.58 5.49
C ASP B 54 -7.07 -1.03 4.18
N LEU B 55 -7.86 -1.77 3.39
CA LEU B 55 -7.36 -2.35 2.15
C LEU B 55 -6.92 -1.26 1.17
N SER B 56 -5.71 -1.42 0.64
CA SER B 56 -5.17 -0.55 -0.39
C SER B 56 -4.36 -1.41 -1.35
N PHE B 57 -3.83 -0.79 -2.41
CA PHE B 57 -3.12 -1.54 -3.43
C PHE B 57 -1.95 -0.73 -3.97
N SER B 58 -1.05 -1.44 -4.64
CA SER B 58 0.16 -0.84 -5.19
C SER B 58 -0.05 -0.45 -6.65
N LYS B 59 1.03 -0.01 -7.30
CA LYS B 59 0.93 0.47 -8.67
C LYS B 59 0.53 -0.65 -9.63
N ASP B 60 0.95 -1.89 -9.35
CA ASP B 60 0.58 -3.02 -10.19
C ASP B 60 -0.78 -3.60 -9.83
N TRP B 61 -1.57 -2.89 -9.01
CA TRP B 61 -2.93 -3.22 -8.58
C TRP B 61 -2.98 -4.34 -7.55
N SER B 62 -1.85 -4.92 -7.17
CA SER B 62 -1.87 -5.95 -6.13
C SER B 62 -2.10 -5.32 -4.76
N PHE B 63 -2.79 -6.05 -3.90
CA PHE B 63 -3.24 -5.53 -2.61
C PHE B 63 -2.19 -5.75 -1.52
N TYR B 64 -2.30 -4.96 -0.46
CA TYR B 64 -1.45 -5.15 0.71
C TYR B 64 -2.24 -4.80 1.97
N LEU B 65 -1.94 -5.52 3.05
CA LEU B 65 -2.60 -5.35 4.34
C LEU B 65 -1.59 -5.53 5.46
N LEU B 66 -1.82 -4.82 6.56
CA LEU B 66 -1.00 -4.95 7.76
C LEU B 66 -1.90 -5.41 8.90
N TYR B 67 -1.59 -6.59 9.45
CA TYR B 67 -2.25 -7.08 10.66
C TYR B 67 -1.29 -6.92 11.84
N TYR B 68 -1.81 -6.43 12.96
CA TYR B 68 -0.94 -6.09 14.08
C TYR B 68 -1.68 -6.23 15.39
N THR B 69 -0.91 -6.54 16.44
CA THR B 69 -1.41 -6.58 17.80
C THR B 69 -0.25 -6.33 18.75
N GLU B 70 -0.56 -5.81 19.93
CA GLU B 70 0.46 -5.56 20.93
C GLU B 70 0.75 -6.84 21.71
N PHE B 71 2.04 -7.11 21.94
CA PHE B 71 2.44 -8.31 22.64
C PHE B 71 3.73 -8.03 23.41
N THR B 72 4.00 -8.90 24.39
CA THR B 72 5.24 -8.87 25.14
C THR B 72 6.05 -10.10 24.80
N PRO B 73 7.07 -10.00 23.95
CA PRO B 73 7.79 -11.21 23.51
C PRO B 73 8.58 -11.83 24.64
N THR B 74 8.34 -13.12 24.86
CA THR B 74 9.14 -13.94 25.76
C THR B 74 9.89 -14.98 24.96
N GLU B 75 11.07 -15.35 25.46
CA GLU B 75 11.92 -16.30 24.74
C GLU B 75 11.30 -17.69 24.65
N LYS B 76 10.27 -17.97 25.43
CA LYS B 76 9.62 -19.28 25.43
C LYS B 76 8.45 -19.35 24.45
N ASP B 77 7.77 -18.23 24.20
CA ASP B 77 6.58 -18.24 23.36
C ASP B 77 6.94 -18.16 21.88
N GLU B 78 6.17 -18.88 21.07
CA GLU B 78 6.35 -18.92 19.62
C GLU B 78 5.22 -18.14 18.96
N TYR B 79 5.57 -17.22 18.07
CA TYR B 79 4.60 -16.42 17.34
C TYR B 79 4.72 -16.69 15.86
N ALA B 80 3.58 -16.61 15.16
CA ALA B 80 3.55 -16.89 13.73
C ALA B 80 2.34 -16.19 13.13
N CYS B 81 2.33 -16.14 11.79
CA CYS B 81 1.22 -15.58 11.03
C CYS B 81 0.70 -16.65 10.07
N ARG B 82 -0.60 -16.89 10.12
CA ARG B 82 -1.26 -17.90 9.29
C ARG B 82 -2.11 -17.19 8.25
N VAL B 83 -1.81 -17.42 6.97
CA VAL B 83 -2.48 -16.75 5.87
C VAL B 83 -3.14 -17.80 4.97
N ASN B 84 -4.40 -17.58 4.65
CA ASN B 84 -5.13 -18.41 3.69
C ASN B 84 -5.55 -17.54 2.51
N HIS B 85 -5.35 -18.05 1.31
CA HIS B 85 -5.65 -17.32 0.09
C HIS B 85 -6.08 -18.33 -0.97
N VAL B 86 -6.79 -17.84 -1.99
CA VAL B 86 -7.26 -18.73 -3.05
C VAL B 86 -6.11 -19.34 -3.82
N THR B 87 -4.93 -18.73 -3.77
CA THR B 87 -3.75 -19.26 -4.46
C THR B 87 -3.03 -20.34 -3.64
N LEU B 88 -3.45 -20.58 -2.40
CA LEU B 88 -2.80 -21.52 -1.51
C LEU B 88 -3.64 -22.78 -1.36
N SER B 89 -3.00 -23.95 -1.48
CA SER B 89 -3.70 -25.20 -1.28
C SER B 89 -3.95 -25.48 0.19
N GLN B 90 -3.11 -24.94 1.08
CA GLN B 90 -3.28 -25.03 2.51
C GLN B 90 -2.79 -23.73 3.13
N PRO B 91 -3.29 -23.36 4.30
CA PRO B 91 -2.87 -22.10 4.93
C PRO B 91 -1.37 -22.09 5.19
N LYS B 92 -0.72 -20.99 4.80
CA LYS B 92 0.71 -20.82 4.98
C LYS B 92 0.99 -20.23 6.36
N ILE B 93 1.88 -20.89 7.10
CA ILE B 93 2.28 -20.43 8.43
C ILE B 93 3.72 -19.95 8.35
N VAL B 94 3.94 -18.70 8.71
CA VAL B 94 5.27 -18.10 8.72
C VAL B 94 5.61 -17.78 10.18
N LYS B 95 6.61 -18.47 10.71
CA LYS B 95 7.02 -18.23 12.09
C LYS B 95 7.74 -16.89 12.21
N TRP B 96 7.66 -16.30 13.40
CA TRP B 96 8.35 -15.04 13.66
C TRP B 96 9.81 -15.31 13.99
N ASP B 97 10.70 -14.77 13.16
CA ASP B 97 12.14 -14.85 13.37
C ASP B 97 12.65 -13.44 13.62
N ARG B 98 13.21 -13.21 14.82
CA ARG B 98 13.67 -11.87 15.18
C ARG B 98 14.88 -11.42 14.37
N ASP B 99 15.52 -12.32 13.62
CA ASP B 99 16.61 -11.94 12.73
C ASP B 99 16.11 -11.50 11.36
N MET B 100 14.80 -11.48 11.14
CA MET B 100 14.24 -11.08 9.86
C MET B 100 13.14 -10.03 10.05
N ALA C 1 -10.15 16.48 -0.15
CA ALA C 1 -11.47 16.02 -0.58
C ALA C 1 -11.37 15.31 -1.93
N HIS C 2 -12.15 14.24 -2.10
CA HIS C 2 -12.11 13.49 -3.34
C HIS C 2 -13.12 14.08 -4.34
N HIS C 3 -13.13 13.52 -5.55
CA HIS C 3 -13.87 14.11 -6.65
C HIS C 3 -15.32 13.65 -6.63
N GLY C 4 -16.25 14.59 -6.77
CA GLY C 4 -17.66 14.28 -6.78
C GLY C 4 -18.28 14.32 -8.16
N GLY C 5 -17.63 13.68 -9.13
CA GLY C 5 -18.15 13.59 -10.48
C GLY C 5 -17.99 12.19 -11.05
N TRP C 6 -19.04 11.67 -11.69
CA TRP C 6 -19.04 10.28 -12.13
C TRP C 6 -19.71 10.16 -13.50
N THR C 7 -19.20 9.22 -14.29
CA THR C 7 -19.84 8.79 -15.53
C THR C 7 -19.66 7.29 -15.63
N THR C 8 -20.77 6.56 -15.73
CA THR C 8 -20.69 5.10 -15.75
C THR C 8 -19.86 4.62 -16.95
N LYS C 9 -19.27 3.44 -16.79
CA LYS C 9 -18.40 2.89 -17.81
C LYS C 9 -19.17 2.11 -18.87
#